data_4QHC
#
_entry.id   4QHC
#
_cell.length_a   49.699
_cell.length_b   68.330
_cell.length_c   75.247
_cell.angle_alpha   90.00
_cell.angle_beta   90.00
_cell.angle_gamma   90.00
#
_symmetry.space_group_name_H-M   'P 21 21 21'
#
loop_
_entity.id
_entity.type
_entity.pdbx_description
1 polymer Beta-lactamase
2 non-polymer '(3R,6R,7S)-7-[(2R,3aR)-hexahydropyrazolo[1,5-c][1,3]thiazin-2-yl]-6-(hydroxymethyl)-1,4-thiazepane-3-carboxylic acid'
3 non-polymer 'PHOSPHATE ION'
4 water water
#
_entity_poly.entity_id   1
_entity_poly.type   'polypeptide(L)'
_entity_poly.pdbx_seq_one_letter_code
;ADLADRFAELERRYDARLGVYVPATGTTAAIEYRADERFAFCSTFKAPLVAAVLHQNPLTHLDKLITYTSDDIRSISPVA
QQHVQTGMTIGQLCDAAIRYSDGTAANLLLADLGGPGGGTAAFTGYLRSLGDTVSRLDAEEPELNRDPPGDERDTTTPHA
IALVLQQLVLGNALPPDKRALLTDWMARNTTGAKRIRAGFPADWKVIDKTGTGDYGRANDIAVVWSPTGVPYVVAVMSDR
AGGGYDAEPREALLAEAATCVAGVLA
;
_entity_poly.pdbx_strand_id   A
#
# COMPACT_ATOMS: atom_id res chain seq x y z
N ASP A 2 17.55 21.28 -4.83
CA ASP A 2 17.51 20.46 -3.63
C ASP A 2 16.15 19.79 -3.42
N LEU A 3 16.18 18.48 -3.19
CA LEU A 3 14.94 17.70 -3.12
C LEU A 3 14.15 17.96 -1.83
N ALA A 4 14.81 17.95 -0.68
CA ALA A 4 14.15 18.24 0.59
C ALA A 4 13.44 19.61 0.57
N ASP A 5 14.00 20.58 -0.14
CA ASP A 5 13.36 21.87 -0.37
C ASP A 5 12.06 21.74 -1.17
N ARG A 6 12.10 20.95 -2.25
CA ARG A 6 10.90 20.75 -3.05
C ARG A 6 9.81 20.07 -2.23
N PHE A 7 10.16 19.06 -1.43
CA PHE A 7 9.17 18.34 -0.62
C PHE A 7 8.54 19.29 0.39
N ALA A 8 9.36 20.11 1.03
CA ALA A 8 8.86 21.16 1.96
C ALA A 8 7.91 22.15 1.30
N GLU A 9 8.22 22.57 0.07
N GLU A 9 8.21 22.57 0.08
CA GLU A 9 7.35 23.47 -0.70
CA GLU A 9 7.34 23.47 -0.66
C GLU A 9 5.97 22.85 -0.87
C GLU A 9 5.96 22.84 -0.83
N LEU A 10 5.95 21.56 -1.18
CA LEU A 10 4.72 20.84 -1.39
C LEU A 10 3.91 20.72 -0.10
N GLU A 11 4.59 20.53 1.02
CA GLU A 11 3.90 20.43 2.30
C GLU A 11 3.13 21.73 2.54
N ARG A 12 3.76 22.86 2.25
CA ARG A 12 3.13 24.15 2.45
C ARG A 12 1.96 24.32 1.46
N ARG A 13 2.15 23.91 0.22
CA ARG A 13 1.10 24.03 -0.80
C ARG A 13 -0.19 23.33 -0.42
N TYR A 14 -0.06 22.11 0.10
CA TYR A 14 -1.22 21.27 0.39
C TYR A 14 -1.55 21.24 1.90
N ASP A 15 -0.88 22.09 2.66
CA ASP A 15 -0.97 22.09 4.11
C ASP A 15 -0.87 20.67 4.63
N ALA A 16 0.25 20.02 4.30
CA ALA A 16 0.37 18.58 4.44
C ALA A 16 1.68 18.18 5.15
N ARG A 17 1.68 16.94 5.64
CA ARG A 17 2.85 16.23 6.07
C ARG A 17 3.07 15.16 5.01
N LEU A 18 4.29 15.15 4.48
CA LEU A 18 4.70 14.27 3.36
C LEU A 18 5.89 13.41 3.78
N GLY A 19 5.80 12.12 3.46
CA GLY A 19 6.84 11.14 3.69
C GLY A 19 7.17 10.40 2.41
N VAL A 20 8.46 10.28 2.14
CA VAL A 20 8.98 9.72 0.92
C VAL A 20 10.17 8.83 1.23
N TYR A 21 10.18 7.63 0.66
CA TYR A 21 11.41 6.84 0.66
C TYR A 21 11.64 6.08 -0.63
N VAL A 22 12.85 6.17 -1.17
CA VAL A 22 13.31 5.31 -2.25
C VAL A 22 14.61 4.63 -1.81
N PRO A 23 14.60 3.29 -1.70
CA PRO A 23 15.84 2.66 -1.22
C PRO A 23 16.99 2.89 -2.17
N ALA A 24 18.18 2.97 -1.61
CA ALA A 24 19.38 3.02 -2.42
C ALA A 24 19.47 1.81 -3.36
N THR A 25 19.95 2.01 -4.59
CA THR A 25 20.07 0.89 -5.50
C THR A 25 20.95 1.22 -6.70
N GLY A 26 21.82 0.27 -7.03
CA GLY A 26 22.91 0.47 -7.98
C GLY A 26 23.80 1.56 -7.44
N THR A 27 23.96 2.59 -8.25
CA THR A 27 24.77 3.72 -7.91
C THR A 27 23.87 4.93 -7.52
N THR A 28 22.61 4.64 -7.20
CA THR A 28 21.64 5.66 -6.80
C THR A 28 21.44 5.69 -5.29
N ALA A 29 21.63 6.85 -4.68
CA ALA A 29 21.44 6.99 -3.24
C ALA A 29 19.96 6.90 -2.86
N ALA A 30 19.71 6.54 -1.61
CA ALA A 30 18.35 6.50 -1.07
C ALA A 30 17.79 7.89 -1.06
N ILE A 31 16.53 8.02 -1.43
CA ILE A 31 15.83 9.30 -1.26
C ILE A 31 15.00 9.17 0.02
N GLU A 32 15.06 10.17 0.90
CA GLU A 32 14.32 10.06 2.15
C GLU A 32 13.86 11.42 2.69
N TYR A 33 12.60 11.45 3.12
CA TYR A 33 11.97 12.67 3.64
C TYR A 33 10.89 12.28 4.64
N ARG A 34 11.10 12.60 5.92
CA ARG A 34 10.24 12.15 7.00
C ARG A 34 10.07 10.63 6.91
N ALA A 35 11.09 9.96 6.36
CA ALA A 35 10.94 8.57 5.95
C ALA A 35 10.82 7.60 7.13
N ASP A 36 11.26 8.04 8.30
CA ASP A 36 11.09 7.23 9.51
C ASP A 36 9.95 7.70 10.44
N GLU A 37 9.22 8.73 10.05
CA GLU A 37 7.99 9.09 10.78
C GLU A 37 6.88 8.09 10.45
N ARG A 38 5.97 7.92 11.39
CA ARG A 38 4.84 7.01 11.20
C ARG A 38 3.73 7.70 10.43
N PHE A 39 3.16 6.97 9.47
CA PHE A 39 1.96 7.37 8.72
C PHE A 39 0.98 6.21 8.77
N ALA A 40 -0.32 6.53 8.79
CA ALA A 40 -1.36 5.50 8.71
C ALA A 40 -1.12 4.64 7.46
N PHE A 41 -1.23 3.32 7.61
CA PHE A 41 -1.29 2.39 6.47
C PHE A 41 -2.36 2.81 5.42
N CYS A 42 -3.53 3.17 5.94
CA CYS A 42 -4.75 3.16 5.15
C CYS A 42 -4.78 1.86 4.36
N SER A 43 -5.30 1.85 3.14
CA SER A 43 -5.41 0.57 2.44
C SER A 43 -4.12 -0.04 1.92
N THR A 44 -2.97 0.61 2.08
CA THR A 44 -1.77 0.03 1.46
C THR A 44 -1.47 -1.40 2.03
N PHE A 45 -2.03 -1.74 3.19
CA PHE A 45 -1.65 -2.99 3.86
C PHE A 45 -2.14 -4.19 3.03
N LYS A 46 -3.10 -3.93 2.15
CA LYS A 46 -3.72 -4.97 1.36
C LYS A 46 -2.70 -5.64 0.45
N ALA A 47 -1.66 -4.93 0.03
CA ALA A 47 -0.68 -5.56 -0.84
C ALA A 47 0.19 -6.56 -0.08
N PRO A 48 0.78 -6.16 1.06
CA PRO A 48 1.50 -7.22 1.79
C PRO A 48 0.59 -8.27 2.43
N LEU A 49 -0.68 -7.94 2.65
CA LEU A 49 -1.65 -8.94 3.10
C LEU A 49 -1.73 -10.07 2.09
N VAL A 50 -1.86 -9.70 0.84
CA VAL A 50 -1.96 -10.69 -0.22
C VAL A 50 -0.67 -11.50 -0.27
N ALA A 51 0.48 -10.85 -0.10
CA ALA A 51 1.72 -11.62 -0.03
C ALA A 51 1.67 -12.62 1.13
N ALA A 52 1.15 -12.19 2.28
CA ALA A 52 1.11 -13.08 3.45
C ALA A 52 0.30 -14.31 3.19
N VAL A 53 -0.83 -14.14 2.51
CA VAL A 53 -1.74 -15.23 2.21
C VAL A 53 -1.14 -16.13 1.12
N LEU A 54 -0.45 -15.56 0.15
CA LEU A 54 0.28 -16.38 -0.84
C LEU A 54 1.41 -17.23 -0.24
N HIS A 55 2.21 -16.61 0.61
CA HIS A 55 3.29 -17.30 1.30
C HIS A 55 2.78 -18.49 2.11
N GLN A 56 1.67 -18.31 2.79
CA GLN A 56 1.17 -19.27 3.79
C GLN A 56 0.53 -20.52 3.18
N ASN A 57 0.23 -20.47 1.89
CA ASN A 57 -0.50 -21.57 1.26
C ASN A 57 0.06 -22.00 -0.06
N PRO A 58 -0.27 -23.25 -0.46
CA PRO A 58 -0.03 -23.70 -1.84
C PRO A 58 -0.82 -22.84 -2.81
N LEU A 59 -0.37 -22.76 -4.05
CA LEU A 59 -1.01 -21.89 -5.01
C LEU A 59 -2.40 -22.40 -5.39
N THR A 60 -2.65 -23.69 -5.16
CA THR A 60 -3.99 -24.24 -5.34
C THR A 60 -5.02 -23.57 -4.42
N HIS A 61 -4.56 -23.02 -3.29
CA HIS A 61 -5.45 -22.34 -2.33
C HIS A 61 -6.26 -21.19 -2.97
N LEU A 62 -5.75 -20.65 -4.06
CA LEU A 62 -6.38 -19.56 -4.78
C LEU A 62 -7.77 -19.90 -5.25
N ASP A 63 -8.02 -21.20 -5.46
CA ASP A 63 -9.27 -21.64 -6.03
C ASP A 63 -10.28 -21.98 -4.95
N LYS A 64 -9.90 -21.83 -3.67
CA LYS A 64 -10.86 -22.09 -2.58
C LYS A 64 -11.93 -21.01 -2.54
N LEU A 65 -13.20 -21.44 -2.53
CA LEU A 65 -14.33 -20.52 -2.50
C LEU A 65 -14.66 -20.08 -1.08
N ILE A 66 -14.76 -18.75 -0.89
CA ILE A 66 -15.10 -18.18 0.39
C ILE A 66 -16.51 -17.60 0.31
N THR A 67 -17.36 -17.95 1.28
CA THR A 67 -18.71 -17.41 1.32
C THR A 67 -18.82 -16.37 2.43
N TYR A 68 -19.73 -15.44 2.22
CA TYR A 68 -19.88 -14.32 3.13
C TYR A 68 -21.22 -13.69 2.87
N THR A 69 -21.62 -12.75 3.73
CA THR A 69 -22.96 -12.19 3.58
C THR A 69 -23.06 -10.81 4.16
N SER A 70 -24.28 -10.36 4.43
CA SER A 70 -24.53 -8.94 4.70
C SER A 70 -23.63 -8.35 5.76
N ASP A 71 -23.51 -9.03 6.89
CA ASP A 71 -22.77 -8.45 8.03
C ASP A 71 -21.23 -8.58 7.89
N ASP A 72 -20.75 -9.13 6.78
CA ASP A 72 -19.34 -9.06 6.40
C ASP A 72 -19.01 -7.81 5.57
N ILE A 73 -20.02 -7.20 4.96
CA ILE A 73 -19.79 -6.01 4.12
C ILE A 73 -19.87 -4.77 4.98
N ARG A 74 -18.71 -4.32 5.44
CA ARG A 74 -18.62 -3.30 6.50
C ARG A 74 -17.80 -2.09 6.12
N SER A 75 -17.41 -2.07 4.85
CA SER A 75 -16.45 -1.09 4.36
C SER A 75 -16.61 -1.02 2.86
N ILE A 76 -15.87 -0.10 2.24
CA ILE A 76 -15.88 0.09 0.81
C ILE A 76 -15.37 -1.19 0.17
N SER A 77 -16.19 -1.74 -0.74
CA SER A 77 -16.04 -3.11 -1.21
C SER A 77 -16.64 -3.26 -2.62
N PRO A 78 -16.03 -2.58 -3.59
CA PRO A 78 -16.63 -2.47 -4.93
C PRO A 78 -16.82 -3.80 -5.61
N VAL A 79 -16.00 -4.79 -5.28
CA VAL A 79 -16.10 -6.09 -5.94
C VAL A 79 -16.92 -7.06 -5.08
N ALA A 80 -16.59 -7.14 -3.80
CA ALA A 80 -17.26 -8.08 -2.92
C ALA A 80 -18.76 -7.84 -2.85
N GLN A 81 -19.19 -6.58 -2.99
CA GLN A 81 -20.61 -6.29 -2.88
C GLN A 81 -21.38 -6.95 -4.05
N GLN A 82 -20.71 -7.13 -5.20
CA GLN A 82 -21.38 -7.75 -6.36
C GLN A 82 -21.36 -9.27 -6.42
N HIS A 83 -20.61 -9.92 -5.54
CA HIS A 83 -20.45 -11.38 -5.59
C HIS A 83 -20.86 -12.04 -4.32
N VAL A 84 -21.54 -11.30 -3.45
CA VAL A 84 -21.91 -11.81 -2.13
C VAL A 84 -22.87 -13.01 -2.21
N GLN A 85 -23.65 -13.07 -3.28
CA GLN A 85 -24.64 -14.13 -3.37
C GLN A 85 -23.97 -15.46 -3.74
N THR A 86 -22.89 -15.39 -4.53
CA THR A 86 -22.20 -16.63 -4.95
C THR A 86 -20.90 -16.92 -4.18
N GLY A 87 -20.36 -15.93 -3.49
CA GLY A 87 -19.06 -16.10 -2.86
C GLY A 87 -17.91 -15.73 -3.79
N MET A 88 -16.68 -15.74 -3.27
CA MET A 88 -15.50 -15.40 -4.08
C MET A 88 -14.34 -16.31 -3.74
N THR A 89 -13.54 -16.68 -4.72
CA THR A 89 -12.36 -17.49 -4.41
C THR A 89 -11.26 -16.65 -3.77
N ILE A 90 -10.36 -17.29 -3.05
CA ILE A 90 -9.22 -16.60 -2.46
C ILE A 90 -8.51 -15.75 -3.51
N GLY A 91 -8.38 -16.32 -4.71
CA GLY A 91 -7.73 -15.62 -5.81
C GLY A 91 -8.46 -14.33 -6.17
N GLN A 92 -9.78 -14.44 -6.28
CA GLN A 92 -10.62 -13.29 -6.65
C GLN A 92 -10.52 -12.20 -5.58
N LEU A 93 -10.49 -12.65 -4.33
CA LEU A 93 -10.34 -11.76 -3.17
C LEU A 93 -8.99 -11.05 -3.19
N CYS A 94 -7.90 -11.75 -3.48
CA CYS A 94 -6.60 -11.07 -3.60
C CYS A 94 -6.68 -10.02 -4.70
N ASP A 95 -7.27 -10.41 -5.82
CA ASP A 95 -7.41 -9.52 -6.96
C ASP A 95 -8.13 -8.23 -6.57
N ALA A 96 -9.24 -8.40 -5.84
CA ALA A 96 -10.11 -7.29 -5.46
C ALA A 96 -9.44 -6.43 -4.39
N ALA A 97 -8.75 -7.07 -3.46
CA ALA A 97 -8.12 -6.33 -2.35
C ALA A 97 -7.07 -5.37 -2.89
N ILE A 98 -6.29 -5.83 -3.85
CA ILE A 98 -5.27 -4.97 -4.46
C ILE A 98 -5.86 -4.02 -5.56
N ARG A 99 -6.64 -4.56 -6.49
CA ARG A 99 -6.99 -3.77 -7.68
C ARG A 99 -8.13 -2.78 -7.43
N TYR A 100 -8.98 -3.06 -6.45
CA TYR A 100 -10.11 -2.19 -6.15
C TYR A 100 -10.10 -1.79 -4.70
N SER A 101 -8.99 -2.08 -4.00
CA SER A 101 -8.88 -1.77 -2.57
C SER A 101 -10.09 -2.30 -1.78
N ASP A 102 -10.55 -3.49 -2.13
CA ASP A 102 -11.78 -4.01 -1.56
C ASP A 102 -11.58 -4.35 -0.09
N GLY A 103 -12.34 -3.70 0.77
CA GLY A 103 -12.19 -3.84 2.20
C GLY A 103 -12.71 -5.16 2.74
N THR A 104 -13.82 -5.65 2.22
CA THR A 104 -14.37 -6.91 2.66
C THR A 104 -13.43 -8.03 2.22
N ALA A 105 -12.82 -7.89 1.05
CA ALA A 105 -11.86 -8.87 0.59
C ALA A 105 -10.69 -8.90 1.58
N ALA A 106 -10.27 -7.71 2.01
CA ALA A 106 -9.16 -7.59 2.95
C ALA A 106 -9.51 -8.31 4.24
N ASN A 107 -10.72 -8.11 4.75
CA ASN A 107 -11.12 -8.75 6.01
C ASN A 107 -11.20 -10.27 5.85
N LEU A 108 -11.67 -10.73 4.70
CA LEU A 108 -11.79 -12.17 4.51
C LEU A 108 -10.40 -12.80 4.36
N LEU A 109 -9.47 -12.09 3.75
CA LEU A 109 -8.09 -12.59 3.65
C LEU A 109 -7.40 -12.59 5.04
N LEU A 110 -7.67 -11.57 5.84
CA LEU A 110 -7.16 -11.58 7.22
C LEU A 110 -7.67 -12.82 8.00
N ALA A 111 -8.96 -13.12 7.84
CA ALA A 111 -9.59 -14.25 8.48
C ALA A 111 -9.00 -15.56 8.01
N ASP A 112 -8.59 -15.59 6.73
CA ASP A 112 -7.97 -16.78 6.13
C ASP A 112 -6.60 -17.00 6.74
N LEU A 113 -5.90 -15.91 6.99
CA LEU A 113 -4.62 -15.99 7.67
C LEU A 113 -4.85 -16.52 9.10
N GLY A 114 -5.88 -15.97 9.74
CA GLY A 114 -6.37 -16.45 11.03
C GLY A 114 -5.53 -16.02 12.22
N GLY A 115 -5.90 -16.55 13.39
CA GLY A 115 -5.15 -16.27 14.62
C GLY A 115 -5.67 -15.02 15.31
N PRO A 116 -5.02 -14.62 16.41
CA PRO A 116 -5.52 -13.48 17.20
C PRO A 116 -5.78 -12.22 16.38
N GLY A 117 -6.66 -11.37 16.89
CA GLY A 117 -6.96 -10.12 16.25
C GLY A 117 -7.55 -10.25 14.86
N GLY A 118 -8.21 -11.37 14.61
CA GLY A 118 -8.87 -11.59 13.34
C GLY A 118 -7.92 -11.73 12.16
N GLY A 119 -6.66 -12.06 12.44
CA GLY A 119 -5.65 -12.07 11.39
C GLY A 119 -4.60 -10.98 11.51
N THR A 120 -4.89 -9.91 12.24
CA THR A 120 -4.00 -8.76 12.21
C THR A 120 -2.67 -9.09 12.87
N ALA A 121 -2.68 -9.95 13.89
CA ALA A 121 -1.40 -10.38 14.51
C ALA A 121 -0.53 -11.15 13.52
N ALA A 122 -1.14 -12.03 12.74
CA ALA A 122 -0.37 -12.82 11.79
C ALA A 122 0.08 -11.95 10.62
N PHE A 123 -0.72 -10.95 10.26
CA PHE A 123 -0.27 -9.98 9.25
C PHE A 123 0.99 -9.29 9.74
N THR A 124 0.96 -8.87 10.99
CA THR A 124 2.10 -8.16 11.56
C THR A 124 3.31 -9.09 11.65
N GLY A 125 3.08 -10.32 12.08
CA GLY A 125 4.14 -11.33 12.17
C GLY A 125 4.76 -11.58 10.82
N TYR A 126 3.94 -11.49 9.77
CA TYR A 126 4.48 -11.65 8.42
C TYR A 126 5.49 -10.52 8.09
N LEU A 127 5.14 -9.28 8.40
CA LEU A 127 6.09 -8.18 8.23
C LEU A 127 7.38 -8.39 9.08
N ARG A 128 7.21 -8.82 10.32
CA ARG A 128 8.36 -9.07 11.17
C ARG A 128 9.28 -10.11 10.51
N SER A 129 8.70 -11.07 9.79
CA SER A 129 9.51 -12.14 9.15
C SER A 129 10.35 -11.54 8.01
N LEU A 130 9.93 -10.38 7.52
CA LEU A 130 10.65 -9.64 6.49
C LEU A 130 11.57 -8.59 7.09
N GLY A 131 11.77 -8.66 8.40
CA GLY A 131 12.65 -7.74 9.06
C GLY A 131 12.06 -6.38 9.34
N ASP A 132 10.75 -6.21 9.15
CA ASP A 132 10.06 -4.96 9.46
C ASP A 132 9.66 -4.99 10.93
N THR A 133 10.42 -4.28 11.77
CA THR A 133 10.09 -4.23 13.18
C THR A 133 9.21 -3.03 13.54
N VAL A 134 8.89 -2.20 12.56
CA VAL A 134 8.23 -0.91 12.79
C VAL A 134 6.71 -0.95 12.62
N SER A 135 6.27 -1.50 11.49
CA SER A 135 4.85 -1.47 11.12
C SER A 135 3.98 -2.26 12.08
N ARG A 136 2.74 -1.84 12.21
CA ARG A 136 1.79 -2.62 12.99
C ARG A 136 0.38 -2.48 12.39
N LEU A 137 -0.32 -3.60 12.29
CA LEU A 137 -1.73 -3.59 11.95
C LEU A 137 -2.50 -4.04 13.19
N ASP A 138 -3.42 -3.21 13.66
CA ASP A 138 -4.10 -3.45 14.92
C ASP A 138 -5.59 -3.73 14.78
N ALA A 139 -6.16 -3.37 13.64
CA ALA A 139 -7.60 -3.59 13.41
C ALA A 139 -7.81 -3.90 11.95
N GLU A 140 -9.00 -4.40 11.60
CA GLU A 140 -9.33 -4.63 10.21
C GLU A 140 -10.26 -3.52 9.68
N GLU A 141 -10.81 -3.72 8.50
CA GLU A 141 -11.67 -2.68 7.91
C GLU A 141 -13.04 -2.71 8.60
N PRO A 142 -13.62 -1.53 8.85
CA PRO A 142 -13.14 -0.16 8.61
C PRO A 142 -12.45 0.46 9.81
N GLU A 143 -12.29 -0.30 10.89
CA GLU A 143 -11.81 0.30 12.14
C GLU A 143 -10.38 0.84 11.97
N LEU A 144 -9.55 0.20 11.15
CA LEU A 144 -8.14 0.62 11.01
C LEU A 144 -7.96 2.02 10.48
N ASN A 145 -9.07 2.67 10.08
CA ASN A 145 -9.02 3.97 9.46
C ASN A 145 -9.40 5.06 10.47
N ARG A 146 -9.81 4.64 11.67
CA ARG A 146 -10.37 5.59 12.61
C ARG A 146 -9.30 6.13 13.57
N ASP A 147 -8.04 5.72 13.44
CA ASP A 147 -7.02 6.28 14.35
C ASP A 147 -6.71 7.76 14.05
N PRO A 148 -6.63 8.58 15.11
CA PRO A 148 -6.35 9.99 14.84
C PRO A 148 -4.89 10.26 14.44
N PRO A 149 -4.62 11.47 13.96
CA PRO A 149 -3.22 11.87 13.68
C PRO A 149 -2.31 11.61 14.89
N GLY A 150 -1.16 10.97 14.66
CA GLY A 150 -0.19 10.72 15.71
C GLY A 150 -0.36 9.36 16.38
N ASP A 151 -1.57 8.83 16.28
CA ASP A 151 -1.82 7.52 16.87
C ASP A 151 -0.95 6.49 16.17
N GLU A 152 -0.26 5.66 16.95
CA GLU A 152 0.69 4.71 16.37
C GLU A 152 0.00 3.45 15.84
N ARG A 153 -1.26 3.25 16.21
CA ARG A 153 -1.98 2.10 15.73
C ARG A 153 -2.11 2.13 14.21
N ASP A 154 -2.04 0.96 13.59
CA ASP A 154 -2.28 0.83 12.15
C ASP A 154 -1.37 1.74 11.29
N THR A 155 -0.10 1.88 11.70
CA THR A 155 0.86 2.71 10.94
C THR A 155 2.04 1.90 10.38
N THR A 156 2.68 2.49 9.37
CA THR A 156 3.96 2.06 8.91
C THR A 156 4.83 3.31 8.76
N THR A 157 5.97 3.18 8.11
CA THR A 157 6.80 4.35 7.76
C THR A 157 7.21 4.22 6.31
N PRO A 158 7.47 5.35 5.60
CA PRO A 158 7.85 5.20 4.18
C PRO A 158 9.09 4.28 4.03
N HIS A 159 10.04 4.42 4.96
CA HIS A 159 11.21 3.54 4.99
C HIS A 159 10.83 2.06 5.18
N ALA A 160 10.00 1.75 6.18
CA ALA A 160 9.67 0.36 6.47
C ALA A 160 8.93 -0.34 5.33
N ILE A 161 7.95 0.32 4.73
CA ILE A 161 7.08 -0.34 3.79
C ILE A 161 7.80 -0.43 2.46
N ALA A 162 8.71 0.49 2.20
CA ALA A 162 9.56 0.42 1.03
C ALA A 162 10.43 -0.84 1.04
N LEU A 163 11.06 -1.09 2.19
CA LEU A 163 11.95 -2.25 2.25
C LEU A 163 11.14 -3.55 2.16
N VAL A 164 9.92 -3.52 2.69
CA VAL A 164 9.03 -4.69 2.59
C VAL A 164 8.66 -4.97 1.12
N LEU A 165 8.25 -3.93 0.42
CA LEU A 165 7.79 -4.07 -0.95
C LEU A 165 8.97 -4.48 -1.85
N GLN A 166 10.14 -4.01 -1.51
CA GLN A 166 11.35 -4.40 -2.24
C GLN A 166 11.59 -5.88 -2.17
N GLN A 167 11.48 -6.46 -0.97
CA GLN A 167 11.66 -7.90 -0.85
C GLN A 167 10.54 -8.67 -1.52
N LEU A 168 9.32 -8.17 -1.41
CA LEU A 168 8.20 -8.87 -2.04
C LEU A 168 8.32 -8.93 -3.57
N VAL A 169 8.68 -7.80 -4.20
CA VAL A 169 8.58 -7.66 -5.67
C VAL A 169 9.92 -7.84 -6.39
N LEU A 170 11.00 -7.36 -5.79
CA LEU A 170 12.30 -7.41 -6.43
C LEU A 170 13.17 -8.48 -5.79
N GLY A 171 12.93 -8.74 -4.51
CA GLY A 171 13.71 -9.70 -3.73
C GLY A 171 13.12 -11.10 -3.81
N ASN A 172 13.46 -11.93 -2.82
N ASN A 172 13.49 -11.95 -2.84
CA ASN A 172 13.07 -13.33 -2.84
CA ASN A 172 13.07 -13.35 -2.84
C ASN A 172 12.19 -13.72 -1.66
C ASN A 172 12.22 -13.71 -1.63
N ALA A 173 11.41 -12.76 -1.15
CA ALA A 173 10.51 -13.05 -0.04
C ALA A 173 9.51 -14.12 -0.46
N LEU A 174 9.13 -14.08 -1.73
CA LEU A 174 8.21 -15.04 -2.30
C LEU A 174 8.86 -15.83 -3.41
N PRO A 175 8.47 -17.10 -3.55
CA PRO A 175 8.92 -17.81 -4.76
C PRO A 175 8.44 -17.14 -6.04
N PRO A 176 9.14 -17.40 -7.15
CA PRO A 176 8.79 -16.72 -8.41
C PRO A 176 7.32 -16.76 -8.80
N ASP A 177 6.64 -17.89 -8.67
CA ASP A 177 5.28 -17.93 -9.19
C ASP A 177 4.31 -17.07 -8.34
N LYS A 178 4.46 -17.11 -7.02
CA LYS A 178 3.66 -16.27 -6.12
C LYS A 178 4.01 -14.79 -6.30
N ARG A 179 5.30 -14.52 -6.44
CA ARG A 179 5.81 -13.18 -6.74
C ARG A 179 5.19 -12.55 -7.98
N ALA A 180 5.06 -13.35 -9.05
CA ALA A 180 4.46 -12.84 -10.27
C ALA A 180 2.99 -12.48 -10.07
N LEU A 181 2.28 -13.30 -9.31
CA LEU A 181 0.87 -13.06 -9.06
C LEU A 181 0.70 -11.70 -8.34
N LEU A 182 1.49 -11.50 -7.29
CA LEU A 182 1.48 -10.24 -6.55
C LEU A 182 1.83 -9.07 -7.46
N THR A 183 2.92 -9.23 -8.22
CA THR A 183 3.40 -8.18 -9.11
C THR A 183 2.32 -7.80 -10.14
N ASP A 184 1.76 -8.83 -10.80
CA ASP A 184 0.70 -8.63 -11.80
C ASP A 184 -0.53 -7.94 -11.24
N TRP A 185 -0.94 -8.30 -10.02
CA TRP A 185 -2.11 -7.65 -9.41
C TRP A 185 -1.81 -6.17 -9.21
N MET A 186 -0.64 -5.84 -8.66
CA MET A 186 -0.28 -4.43 -8.48
C MET A 186 -0.10 -3.67 -9.79
N ALA A 187 0.41 -4.35 -10.83
CA ALA A 187 0.47 -3.76 -12.16
C ALA A 187 -0.89 -3.36 -12.68
N ARG A 188 -1.89 -4.20 -12.42
CA ARG A 188 -3.23 -3.99 -12.95
C ARG A 188 -4.11 -3.16 -12.01
N ASN A 189 -3.48 -2.50 -11.04
CA ASN A 189 -4.21 -1.65 -10.11
C ASN A 189 -5.05 -0.57 -10.82
N THR A 190 -6.31 -0.41 -10.40
CA THR A 190 -7.23 0.55 -11.03
C THR A 190 -7.31 1.89 -10.30
N THR A 191 -6.67 1.99 -9.12
CA THR A 191 -6.90 3.14 -8.25
C THR A 191 -5.78 4.21 -8.23
N GLY A 192 -4.67 3.91 -8.89
CA GLY A 192 -3.43 4.65 -8.71
C GLY A 192 -3.02 5.58 -9.84
N ALA A 193 -3.94 5.85 -10.76
CA ALA A 193 -3.56 6.59 -11.98
C ALA A 193 -3.07 8.03 -11.72
N LYS A 194 -3.64 8.68 -10.71
CA LYS A 194 -3.31 10.09 -10.42
C LYS A 194 -2.29 10.26 -9.29
N ARG A 195 -1.63 9.17 -8.92
CA ARG A 195 -0.63 9.27 -7.85
C ARG A 195 0.77 8.99 -8.40
N ILE A 196 1.46 7.93 -7.97
CA ILE A 196 2.86 7.78 -8.40
C ILE A 196 2.94 7.63 -9.93
N ARG A 197 1.99 6.93 -10.53
CA ARG A 197 1.95 6.73 -11.98
C ARG A 197 1.99 8.06 -12.74
N ALA A 198 1.32 9.07 -12.18
CA ALA A 198 1.21 10.38 -12.81
C ALA A 198 2.52 11.18 -12.78
N GLY A 199 3.44 10.81 -11.90
CA GLY A 199 4.72 11.48 -11.81
C GLY A 199 5.85 10.89 -12.67
N PHE A 200 5.64 9.71 -13.24
CA PHE A 200 6.65 9.06 -14.08
C PHE A 200 6.30 9.03 -15.57
N PRO A 201 7.30 9.24 -16.43
CA PRO A 201 7.02 9.18 -17.88
C PRO A 201 6.37 7.87 -18.30
N ALA A 202 5.63 7.88 -19.41
CA ALA A 202 4.86 6.73 -19.85
C ALA A 202 5.73 5.50 -20.14
N ASP A 203 6.98 5.71 -20.55
CA ASP A 203 7.83 4.57 -20.88
C ASP A 203 8.47 3.92 -19.64
N TRP A 204 8.07 4.36 -18.46
CA TRP A 204 8.41 3.67 -17.21
C TRP A 204 7.27 2.78 -16.82
N LYS A 205 7.58 1.58 -16.35
CA LYS A 205 6.55 0.69 -15.86
C LYS A 205 6.30 1.01 -14.38
N VAL A 206 5.03 1.05 -13.99
CA VAL A 206 4.65 1.34 -12.61
C VAL A 206 3.61 0.35 -12.11
N ILE A 207 3.86 -0.20 -10.92
CA ILE A 207 2.89 -1.04 -10.25
C ILE A 207 2.71 -0.46 -8.87
N ASP A 208 1.51 -0.52 -8.33
CA ASP A 208 1.30 0.15 -7.05
C ASP A 208 0.09 -0.35 -6.26
N LYS A 209 0.05 0.05 -4.98
CA LYS A 209 -1.16 -0.02 -4.15
C LYS A 209 -1.34 1.28 -3.40
N THR A 210 -2.53 1.85 -3.53
CA THR A 210 -2.87 3.13 -2.91
C THR A 210 -3.42 3.01 -1.49
N GLY A 211 -3.49 4.13 -0.80
CA GLY A 211 -4.22 4.21 0.44
C GLY A 211 -4.79 5.62 0.63
N THR A 212 -5.93 5.72 1.29
CA THR A 212 -6.63 6.99 1.42
C THR A 212 -7.30 6.97 2.78
N GLY A 213 -7.57 8.14 3.35
CA GLY A 213 -8.16 8.17 4.67
C GLY A 213 -8.70 9.52 5.05
N ASP A 214 -9.32 9.56 6.22
CA ASP A 214 -9.71 10.79 6.88
C ASP A 214 -8.46 11.63 7.19
N TYR A 215 -8.64 12.87 7.62
CA TYR A 215 -7.51 13.75 7.90
C TYR A 215 -6.60 13.91 6.67
N GLY A 216 -7.19 13.86 5.49
CA GLY A 216 -6.47 14.08 4.24
C GLY A 216 -5.39 13.05 3.93
N ARG A 217 -5.50 11.85 4.50
CA ARG A 217 -4.52 10.83 4.22
C ARG A 217 -4.56 10.38 2.77
N ALA A 218 -3.41 10.41 2.12
CA ALA A 218 -3.23 9.76 0.83
C ALA A 218 -1.86 9.16 0.70
N ASN A 219 -1.84 7.85 0.43
CA ASN A 219 -0.60 7.09 0.24
C ASN A 219 -0.51 6.45 -1.14
N ASP A 220 0.71 6.14 -1.55
CA ASP A 220 0.89 5.22 -2.67
C ASP A 220 2.26 4.53 -2.50
N ILE A 221 2.26 3.21 -2.63
CA ILE A 221 3.51 2.48 -2.62
C ILE A 221 3.66 1.75 -3.95
N ALA A 222 4.83 1.89 -4.56
CA ALA A 222 5.02 1.43 -5.94
C ALA A 222 6.37 0.79 -6.18
N VAL A 223 6.43 0.00 -7.24
CA VAL A 223 7.69 -0.37 -7.87
C VAL A 223 7.64 0.14 -9.30
N VAL A 224 8.72 0.78 -9.73
CA VAL A 224 8.82 1.37 -11.05
C VAL A 224 10.03 0.79 -11.76
N TRP A 225 9.96 0.67 -13.07
CA TRP A 225 11.09 0.21 -13.88
C TRP A 225 11.36 1.24 -14.94
N SER A 226 12.62 1.67 -15.02
CA SER A 226 13.06 2.55 -16.07
C SER A 226 12.90 1.87 -17.43
N PRO A 227 13.07 2.64 -18.51
CA PRO A 227 12.94 2.04 -19.83
C PRO A 227 14.00 0.98 -20.14
N THR A 228 15.12 1.04 -19.44
CA THR A 228 16.13 0.01 -19.59
C THR A 228 16.03 -1.06 -18.51
N GLY A 229 14.91 -1.09 -17.76
CA GLY A 229 14.64 -2.19 -16.84
C GLY A 229 15.27 -2.06 -15.46
N VAL A 230 15.72 -0.87 -15.10
CA VAL A 230 16.27 -0.65 -13.76
C VAL A 230 15.12 -0.37 -12.77
N PRO A 231 14.96 -1.19 -11.71
CA PRO A 231 13.82 -0.98 -10.81
C PRO A 231 14.14 -0.12 -9.60
N TYR A 232 13.13 0.64 -9.17
CA TYR A 232 13.20 1.41 -7.93
C TYR A 232 11.90 1.17 -7.15
N VAL A 233 12.00 1.15 -5.83
CA VAL A 233 10.81 1.12 -4.99
C VAL A 233 10.57 2.56 -4.50
N VAL A 234 9.33 3.00 -4.63
CA VAL A 234 8.91 4.37 -4.28
C VAL A 234 7.74 4.38 -3.32
N ALA A 235 7.99 4.80 -2.09
CA ALA A 235 6.90 4.93 -1.10
C ALA A 235 6.61 6.40 -0.77
N VAL A 236 5.33 6.78 -0.92
CA VAL A 236 4.92 8.15 -0.67
C VAL A 236 3.69 8.09 0.23
N MET A 237 3.76 8.80 1.34
CA MET A 237 2.65 8.83 2.29
C MET A 237 2.38 10.29 2.68
N SER A 238 1.12 10.59 2.97
CA SER A 238 0.77 11.94 3.34
C SER A 238 -0.51 12.04 4.12
N ASP A 239 -0.61 13.12 4.87
CA ASP A 239 -1.85 13.48 5.53
C ASP A 239 -1.93 14.99 5.52
N ARG A 240 -3.12 15.48 5.82
CA ARG A 240 -3.37 16.92 5.95
C ARG A 240 -4.18 17.15 7.22
N ALA A 241 -3.66 16.64 8.33
CA ALA A 241 -4.31 16.66 9.63
C ALA A 241 -4.62 18.07 10.15
N GLY A 242 -3.93 19.06 9.60
CA GLY A 242 -4.16 20.45 9.93
C GLY A 242 -5.56 20.95 9.63
N GLY A 243 -6.25 20.30 8.70
CA GLY A 243 -7.62 20.61 8.36
C GLY A 243 -8.68 19.74 9.05
N GLY A 244 -8.25 18.86 9.95
CA GLY A 244 -9.15 18.02 10.73
C GLY A 244 -9.62 16.80 9.98
N TYR A 245 -10.52 16.05 10.63
CA TYR A 245 -11.01 14.77 10.15
C TYR A 245 -11.50 14.86 8.69
N ASP A 246 -12.18 15.95 8.30
N ASP A 246 -12.12 15.99 8.32
CA ASP A 246 -12.76 16.03 6.96
CA ASP A 246 -12.74 16.16 7.01
C ASP A 246 -11.86 16.71 5.91
C ASP A 246 -11.84 16.66 5.91
N ALA A 247 -10.58 16.89 6.23
CA ALA A 247 -9.66 17.41 5.21
C ALA A 247 -9.63 16.40 4.05
N GLU A 248 -9.69 16.93 2.82
N GLU A 248 -9.64 16.94 2.84
CA GLU A 248 -9.75 16.11 1.61
CA GLU A 248 -9.71 16.14 1.64
C GLU A 248 -8.37 15.55 1.27
C GLU A 248 -8.34 15.54 1.32
N PRO A 249 -8.29 14.25 0.95
CA PRO A 249 -6.99 13.75 0.47
C PRO A 249 -6.67 14.42 -0.85
N ARG A 250 -5.40 14.69 -1.10
CA ARG A 250 -5.01 15.37 -2.33
C ARG A 250 -4.03 14.53 -3.19
N GLU A 251 -4.57 13.84 -4.17
CA GLU A 251 -3.74 12.98 -5.05
C GLU A 251 -2.63 13.74 -5.75
N ALA A 252 -2.91 15.00 -6.07
CA ALA A 252 -1.95 15.85 -6.75
C ALA A 252 -0.65 16.00 -5.94
N LEU A 253 -0.75 15.97 -4.61
CA LEU A 253 0.45 16.05 -3.78
C LEU A 253 1.39 14.87 -4.09
N LEU A 254 0.81 13.70 -4.24
CA LEU A 254 1.63 12.50 -4.42
C LEU A 254 2.15 12.48 -5.85
N ALA A 255 1.34 12.99 -6.78
CA ALA A 255 1.78 13.09 -8.16
C ALA A 255 2.93 14.08 -8.28
N GLU A 256 2.87 15.22 -7.58
CA GLU A 256 3.98 16.16 -7.66
C GLU A 256 5.21 15.61 -6.98
N ALA A 257 5.03 14.97 -5.81
CA ALA A 257 6.17 14.38 -5.12
C ALA A 257 6.87 13.32 -6.00
N ALA A 258 6.07 12.49 -6.65
CA ALA A 258 6.59 11.48 -7.57
C ALA A 258 7.33 12.11 -8.77
N THR A 259 6.86 13.25 -9.24
CA THR A 259 7.51 13.95 -10.35
C THR A 259 8.90 14.36 -9.91
N CYS A 260 9.01 14.88 -8.69
CA CYS A 260 10.31 15.26 -8.15
C CYS A 260 11.24 14.05 -8.04
N VAL A 261 10.72 12.92 -7.56
CA VAL A 261 11.53 11.71 -7.49
C VAL A 261 11.95 11.21 -8.88
N ALA A 262 11.02 11.21 -9.84
CA ALA A 262 11.29 10.68 -11.19
C ALA A 262 12.41 11.45 -11.89
N GLY A 263 12.44 12.77 -11.71
CA GLY A 263 13.48 13.61 -12.25
C GLY A 263 14.85 13.26 -11.71
N VAL A 264 14.91 12.80 -10.47
CA VAL A 264 16.17 12.43 -9.84
C VAL A 264 16.65 11.04 -10.27
N LEU A 265 15.70 10.14 -10.54
CA LEU A 265 16.04 8.76 -10.93
C LEU A 265 16.28 8.59 -12.43
N ALA A 266 15.82 9.54 -13.25
CA ALA A 266 15.94 9.40 -14.71
C ALA A 266 17.39 9.28 -15.17
#